data_8W5W
#
_entry.id   8W5W
#
_cell.length_a   1.00
_cell.length_b   1.00
_cell.length_c   1.00
_cell.angle_alpha   90.00
_cell.angle_beta   90.00
_cell.angle_gamma   90.00
#
_symmetry.space_group_name_H-M   'P 1'
#
loop_
_entity.id
_entity.type
_entity.pdbx_description
1 polymer 'Minor capsid protein A1'
2 polymer 'Light chain of Ab8'
3 polymer 'Heavy chain of Ab8'
#
loop_
_entity_poly.entity_id
_entity_poly.type
_entity_poly.pdbx_seq_one_letter_code
_entity_poly.pdbx_strand_id
1 'polypeptide(L)'
;AKLETVTLGNIGKDGKQTLVLNPRGVNPTNGVASLSQAGAVPALEKRVTVSVSQPSRNRKNYKVQVKIQNPTACTANGSC
DPSVTRQAYADVTFSFTQYSTDEERAFVRTELAALLASPLLIDAIDQLNPAY
;
A,B,C
2 'polypeptide(L)'
;IVMSQSPSSLAVSVGETVSMSCKSSQSLLYSSNQKNYLAWFQQKPGQSPKLLIYWASTRESGVPDRFTGSGSGTDFTLTI
SSVQAEDLVVYYCHQYYSYYTFGGGT
;
L
3 'polypeptide(L)'
;KLSCKASGYTFTTHWMHWVQQRPGRGLEWVGRIDPNSGNTNYNEKIKSKATLTVDKSSSTVYMRLSSLTSEDSAVYFCAR
AYDYGPFDYWGQGTT
;
H
#
# COMPACT_ATOMS: atom_id res chain seq x y z
N ALA A 1 8.30 6.92 6.33
CA ALA A 1 7.61 7.45 7.49
C ALA A 1 8.07 6.76 8.77
N LYS A 2 7.25 5.82 9.24
CA LYS A 2 7.57 5.07 10.45
C LYS A 2 6.99 3.66 10.31
N LEU A 3 7.75 2.67 10.76
CA LEU A 3 7.30 1.29 10.68
C LEU A 3 6.20 1.01 11.69
N GLU A 4 4.95 1.12 11.28
CA GLU A 4 3.79 0.80 12.10
C GLU A 4 3.04 -0.38 11.48
N THR A 5 2.00 -0.82 12.17
CA THR A 5 1.18 -1.91 11.68
C THR A 5 0.34 -1.41 10.51
N VAL A 6 0.39 -2.13 9.40
CA VAL A 6 -0.34 -1.79 8.19
C VAL A 6 -1.50 -2.75 8.06
N THR A 7 -2.72 -2.25 8.10
CA THR A 7 -3.93 -3.08 8.04
C THR A 7 -4.58 -2.87 6.67
N LEU A 8 -4.20 -3.72 5.72
CA LEU A 8 -4.78 -3.67 4.38
C LEU A 8 -6.20 -4.21 4.41
N GLY A 9 -7.11 -3.52 3.75
CA GLY A 9 -8.51 -3.90 3.71
C GLY A 9 -8.97 -4.18 2.29
N ASN A 10 -10.02 -4.98 2.16
CA ASN A 10 -10.64 -5.31 0.88
C ASN A 10 -9.64 -5.99 -0.07
N ILE A 11 -8.91 -6.96 0.47
CA ILE A 11 -8.01 -7.79 -0.30
C ILE A 11 -8.82 -8.95 -0.87
N GLY A 12 -8.27 -9.65 -1.86
CA GLY A 12 -8.85 -10.89 -2.33
C GLY A 12 -9.76 -10.69 -3.52
N LYS A 13 -10.11 -11.83 -4.14
CA LYS A 13 -11.00 -11.80 -5.30
C LYS A 13 -12.39 -11.34 -4.90
N ASP A 14 -12.93 -11.86 -3.80
CA ASP A 14 -14.28 -11.51 -3.37
C ASP A 14 -14.36 -10.08 -2.85
N GLY A 15 -13.23 -9.45 -2.56
CA GLY A 15 -13.20 -8.08 -2.10
C GLY A 15 -13.37 -7.91 -0.61
N LYS A 16 -13.50 -8.99 0.16
CA LYS A 16 -13.64 -8.92 1.61
C LYS A 16 -12.58 -9.83 2.25
N GLN A 17 -11.38 -9.28 2.42
CA GLN A 17 -10.29 -9.95 3.11
C GLN A 17 -9.41 -8.88 3.73
N THR A 18 -8.85 -9.18 4.89
CA THR A 18 -7.97 -8.25 5.59
C THR A 18 -6.65 -8.93 5.89
N LEU A 19 -5.57 -8.15 5.79
CA LEU A 19 -4.23 -8.60 6.15
C LEU A 19 -3.61 -7.58 7.08
N VAL A 20 -3.12 -8.04 8.22
CA VAL A 20 -2.50 -7.18 9.21
C VAL A 20 -1.01 -7.49 9.25
N LEU A 21 -0.19 -6.48 8.97
CA LEU A 21 1.25 -6.65 8.85
C LEU A 21 1.94 -5.96 10.03
N ASN A 22 2.81 -6.69 10.70
CA ASN A 22 3.58 -6.11 11.80
C ASN A 22 5.00 -5.80 11.36
N PRO A 23 5.62 -4.75 11.91
CA PRO A 23 7.00 -4.44 11.55
C PRO A 23 7.96 -5.53 12.02
N ARG A 24 9.08 -5.66 11.30
CA ARG A 24 10.11 -6.63 11.64
C ARG A 24 11.50 -6.00 11.56
N GLY A 25 11.58 -4.69 11.81
CA GLY A 25 12.86 -4.02 11.84
C GLY A 25 13.41 -3.70 10.47
N VAL A 26 14.61 -3.14 10.47
CA VAL A 26 15.31 -2.74 9.25
C VAL A 26 16.66 -3.45 9.23
N ASN A 27 16.96 -4.10 8.11
CA ASN A 27 18.23 -4.80 7.96
C ASN A 27 19.37 -3.80 7.88
N PRO A 28 20.34 -3.83 8.80
CA PRO A 28 21.43 -2.85 8.77
C PRO A 28 22.48 -3.10 7.70
N THR A 29 22.38 -4.19 6.94
CA THR A 29 23.35 -4.46 5.89
C THR A 29 22.93 -3.89 4.54
N ASN A 30 21.64 -3.74 4.28
CA ASN A 30 21.17 -3.18 3.02
C ASN A 30 19.99 -2.23 3.18
N GLY A 31 19.57 -1.93 4.41
CA GLY A 31 18.55 -0.92 4.63
C GLY A 31 17.14 -1.31 4.25
N VAL A 32 16.88 -2.60 3.99
CA VAL A 32 15.55 -3.04 3.62
C VAL A 32 14.68 -3.15 4.87
N ALA A 33 13.54 -2.47 4.86
CA ALA A 33 12.59 -2.51 5.95
C ALA A 33 11.55 -3.59 5.68
N SER A 34 11.29 -4.43 6.67
CA SER A 34 10.45 -5.61 6.51
C SER A 34 9.13 -5.46 7.24
N LEU A 35 8.12 -6.15 6.72
CA LEU A 35 6.81 -6.26 7.34
C LEU A 35 6.35 -7.70 7.17
N SER A 36 5.69 -8.24 8.19
CA SER A 36 5.28 -9.63 8.18
C SER A 36 3.90 -9.80 8.77
N GLN A 37 3.32 -10.97 8.51
CA GLN A 37 1.96 -11.27 8.94
C GLN A 37 1.86 -11.25 10.47
N ALA A 38 0.63 -11.10 10.97
CA ALA A 38 0.44 -10.84 12.39
C ALA A 38 0.68 -12.10 13.23
N GLY A 39 -0.12 -13.13 13.02
CA GLY A 39 -0.10 -14.29 13.89
C GLY A 39 0.40 -15.56 13.25
N ALA A 40 1.45 -15.47 12.44
CA ALA A 40 1.94 -16.61 11.68
C ALA A 40 3.31 -17.04 12.19
N VAL A 41 3.56 -18.35 12.13
CA VAL A 41 4.87 -18.89 12.49
C VAL A 41 5.92 -18.32 11.55
N PRO A 42 7.11 -17.96 12.03
CA PRO A 42 8.11 -17.32 11.15
C PRO A 42 8.49 -18.11 9.91
N ALA A 43 8.02 -19.34 9.75
CA ALA A 43 8.30 -20.13 8.55
C ALA A 43 7.10 -20.23 7.61
N LEU A 44 5.96 -19.64 7.98
CA LEU A 44 4.74 -19.75 7.19
C LEU A 44 4.05 -18.40 7.07
N GLU A 45 4.81 -17.32 7.00
CA GLU A 45 4.26 -15.98 7.13
C GLU A 45 4.41 -15.21 5.82
N LYS A 46 3.47 -14.28 5.60
CA LYS A 46 3.49 -13.40 4.45
C LYS A 46 4.42 -12.22 4.73
N ARG A 47 5.31 -11.94 3.80
CA ARG A 47 6.37 -10.96 4.00
C ARG A 47 6.25 -9.82 2.99
N VAL A 48 6.60 -8.62 3.44
CA VAL A 48 6.66 -7.42 2.61
C VAL A 48 7.93 -6.67 2.94
N THR A 49 8.67 -6.25 1.92
CA THR A 49 9.92 -5.53 2.11
C THR A 49 9.94 -4.30 1.20
N VAL A 50 10.34 -3.16 1.77
CA VAL A 50 10.49 -1.92 1.01
C VAL A 50 11.88 -1.36 1.30
N SER A 51 12.39 -0.59 0.34
CA SER A 51 13.71 0.02 0.49
C SER A 51 13.90 1.07 -0.60
N VAL A 52 14.45 2.21 -0.21
CA VAL A 52 14.79 3.27 -1.15
C VAL A 52 16.30 3.40 -1.21
N SER A 53 16.80 3.91 -2.32
CA SER A 53 18.23 4.07 -2.55
C SER A 53 18.55 5.53 -2.86
N GLN A 54 19.84 5.84 -2.87
CA GLN A 54 20.32 7.18 -3.17
C GLN A 54 21.41 7.11 -4.22
N PRO A 55 21.56 8.16 -5.03
CA PRO A 55 22.57 8.14 -6.09
C PRO A 55 23.98 8.11 -5.51
N SER A 56 24.89 7.50 -6.28
CA SER A 56 26.28 7.40 -5.87
C SER A 56 27.20 7.27 -7.08
N LYS A 60 23.07 7.16 -9.34
CA LYS A 60 22.58 7.94 -10.47
C LYS A 60 21.15 8.39 -10.23
N ASN A 61 20.24 7.42 -10.16
CA ASN A 61 18.82 7.68 -9.96
C ASN A 61 18.37 7.07 -8.64
N TYR A 62 17.31 7.63 -8.07
CA TYR A 62 16.74 7.10 -6.83
C TYR A 62 15.92 5.87 -7.19
N LYS A 63 16.19 4.76 -6.51
CA LYS A 63 15.54 3.49 -6.80
C LYS A 63 14.69 3.08 -5.60
N VAL A 64 13.41 2.82 -5.85
CA VAL A 64 12.48 2.34 -4.83
C VAL A 64 12.01 0.95 -5.23
N GLN A 65 12.10 0.01 -4.29
CA GLN A 65 11.77 -1.38 -4.59
C GLN A 65 10.88 -1.95 -3.50
N VAL A 66 9.78 -2.58 -3.90
CA VAL A 66 8.86 -3.23 -2.99
C VAL A 66 8.73 -4.70 -3.40
N LYS A 67 8.93 -5.59 -2.44
CA LYS A 67 8.85 -7.02 -2.69
C LYS A 67 7.87 -7.64 -1.71
N ILE A 68 6.97 -8.47 -2.22
CA ILE A 68 6.05 -9.23 -1.37
C ILE A 68 6.21 -10.71 -1.72
N GLN A 69 5.88 -11.56 -0.75
CA GLN A 69 6.12 -12.99 -0.87
C GLN A 69 5.06 -13.73 -0.06
N ASN A 70 4.41 -14.72 -0.68
CA ASN A 70 3.29 -15.40 -0.06
C ASN A 70 3.46 -16.91 -0.22
N PRO A 71 3.81 -17.64 0.83
CA PRO A 71 3.87 -19.10 0.75
C PRO A 71 2.52 -19.74 1.01
N THR A 72 2.34 -20.92 0.43
CA THR A 72 1.13 -21.72 0.63
C THR A 72 1.48 -22.89 1.54
N ALA A 73 0.96 -22.86 2.76
CA ALA A 73 1.30 -23.84 3.79
C ALA A 73 0.26 -24.95 3.79
N CYS A 74 0.59 -26.07 3.16
CA CYS A 74 -0.27 -27.24 3.22
C CYS A 74 -0.16 -27.90 4.58
N THR A 75 -1.29 -28.41 5.07
CA THR A 75 -1.28 -29.16 6.32
C THR A 75 -0.55 -30.49 6.09
N ALA A 76 0.52 -30.71 6.83
CA ALA A 76 1.33 -31.92 6.63
C ALA A 76 0.51 -33.16 6.93
N ASN A 77 0.65 -34.17 6.07
CA ASN A 77 -0.13 -35.39 6.23
C ASN A 77 0.28 -36.15 7.49
N GLY A 78 1.58 -36.38 7.68
CA GLY A 78 2.04 -37.10 8.84
C GLY A 78 2.57 -36.23 9.96
N SER A 79 3.40 -35.24 9.62
CA SER A 79 4.05 -34.44 10.63
C SER A 79 3.11 -33.35 11.15
N CYS A 80 3.49 -32.77 12.29
CA CYS A 80 2.72 -31.71 12.92
C CYS A 80 3.12 -30.32 12.45
N ASP A 81 4.21 -30.20 11.68
CA ASP A 81 4.67 -28.91 11.20
C ASP A 81 4.32 -28.75 9.73
N PRO A 82 3.35 -27.91 9.39
CA PRO A 82 2.97 -27.76 7.97
C PRO A 82 4.09 -27.14 7.16
N SER A 83 4.43 -27.79 6.04
CA SER A 83 5.54 -27.37 5.21
C SER A 83 5.07 -26.36 4.18
N VAL A 84 5.95 -25.97 3.26
CA VAL A 84 5.65 -24.99 2.23
C VAL A 84 5.74 -25.70 0.88
N THR A 85 4.69 -25.56 0.08
CA THR A 85 4.65 -26.17 -1.24
C THR A 85 4.99 -25.19 -2.35
N ARG A 86 4.40 -23.99 -2.32
CA ARG A 86 4.52 -23.04 -3.41
C ARG A 86 4.82 -21.65 -2.86
N GLN A 87 5.43 -20.83 -3.70
CA GLN A 87 5.72 -19.44 -3.39
C GLN A 87 5.10 -18.55 -4.45
N ALA A 88 4.53 -17.43 -4.03
CA ALA A 88 3.94 -16.45 -4.95
C ALA A 88 4.66 -15.12 -4.74
N TYR A 89 5.45 -14.72 -5.72
CA TYR A 89 6.27 -13.53 -5.63
C TYR A 89 5.64 -12.37 -6.40
N ALA A 90 6.05 -11.16 -6.04
CA ALA A 90 5.67 -9.96 -6.76
C ALA A 90 6.67 -8.86 -6.41
N ASP A 91 7.24 -8.25 -7.44
CA ASP A 91 8.30 -7.27 -7.27
C ASP A 91 7.92 -5.99 -7.99
N VAL A 92 8.20 -4.85 -7.36
CA VAL A 92 7.92 -3.53 -7.92
C VAL A 92 9.19 -2.71 -7.82
N THR A 93 9.55 -2.01 -8.89
CA THR A 93 10.78 -1.22 -8.95
C THR A 93 10.48 0.14 -9.57
N PHE A 94 10.49 1.18 -8.75
CA PHE A 94 10.39 2.54 -9.25
C PHE A 94 11.79 3.12 -9.49
N SER A 95 11.86 4.08 -10.40
CA SER A 95 13.13 4.74 -10.73
C SER A 95 12.84 6.18 -11.08
N PHE A 96 13.46 7.11 -10.37
CA PHE A 96 13.23 8.53 -10.56
C PHE A 96 14.55 9.28 -10.67
N THR A 97 14.55 10.32 -11.49
CA THR A 97 15.70 11.21 -11.60
C THR A 97 15.72 12.14 -10.40
N GLN A 98 16.93 12.61 -10.05
CA GLN A 98 17.10 13.44 -8.87
C GLN A 98 16.41 14.80 -9.01
N TYR A 99 15.99 15.18 -10.21
CA TYR A 99 15.29 16.42 -10.43
C TYR A 99 13.77 16.25 -10.51
N SER A 100 13.27 15.05 -10.21
CA SER A 100 11.84 14.78 -10.31
C SER A 100 11.08 15.45 -9.17
N THR A 101 9.93 16.01 -9.49
CA THR A 101 9.08 16.65 -8.49
C THR A 101 8.23 15.58 -7.80
N ASP A 102 7.44 16.00 -6.80
CA ASP A 102 6.62 15.06 -6.06
C ASP A 102 5.39 14.64 -6.86
N GLU A 103 4.87 15.54 -7.69
CA GLU A 103 3.67 15.23 -8.47
C GLU A 103 3.91 14.11 -9.46
N GLU A 104 5.08 14.09 -10.11
CA GLU A 104 5.37 13.02 -11.07
C GLU A 104 5.42 11.67 -10.39
N ARG A 105 6.09 11.58 -9.24
CA ARG A 105 6.22 10.30 -8.54
C ARG A 105 4.87 9.84 -7.99
N ALA A 106 4.09 10.77 -7.42
CA ALA A 106 2.75 10.41 -6.96
C ALA A 106 1.87 9.96 -8.12
N PHE A 107 2.00 10.60 -9.28
CA PHE A 107 1.25 10.20 -10.46
C PHE A 107 1.61 8.79 -10.89
N VAL A 108 2.91 8.47 -10.88
CA VAL A 108 3.34 7.11 -11.26
C VAL A 108 2.77 6.09 -10.28
N ARG A 109 2.87 6.38 -8.98
CA ARG A 109 2.37 5.43 -7.98
C ARG A 109 0.87 5.21 -8.11
N THR A 110 0.10 6.30 -8.24
CA THR A 110 -1.35 6.16 -8.35
C THR A 110 -1.76 5.53 -9.67
N GLU A 111 -1.01 5.78 -10.74
CA GLU A 111 -1.28 5.13 -12.02
C GLU A 111 -1.09 3.63 -11.91
N LEU A 112 -0.02 3.19 -11.25
CA LEU A 112 0.18 1.75 -11.05
C LEU A 112 -0.91 1.16 -10.18
N ALA A 113 -1.28 1.85 -9.10
CA ALA A 113 -2.34 1.36 -8.22
C ALA A 113 -3.69 1.26 -8.93
N ALA A 114 -3.97 2.17 -9.86
CA ALA A 114 -5.20 2.11 -10.64
C ALA A 114 -5.14 1.07 -11.74
N LEU A 115 -3.97 0.85 -12.34
CA LEU A 115 -3.83 -0.20 -13.33
C LEU A 115 -4.04 -1.57 -12.71
N LEU A 116 -3.54 -1.80 -11.50
CA LEU A 116 -3.70 -3.11 -10.88
C LEU A 116 -5.16 -3.46 -10.57
N ALA A 117 -6.12 -2.58 -10.89
CA ALA A 117 -7.52 -2.87 -10.69
C ALA A 117 -8.34 -2.83 -11.98
N SER A 118 -7.72 -2.52 -13.12
CA SER A 118 -8.44 -2.50 -14.38
C SER A 118 -8.77 -3.93 -14.83
N PRO A 119 -9.78 -4.10 -15.69
CA PRO A 119 -10.09 -5.45 -16.18
C PRO A 119 -8.94 -6.13 -16.90
N LEU A 120 -8.10 -5.37 -17.61
CA LEU A 120 -6.98 -5.98 -18.33
C LEU A 120 -6.06 -6.73 -17.39
N LEU A 121 -5.61 -6.06 -16.32
CA LEU A 121 -4.70 -6.72 -15.39
C LEU A 121 -5.38 -7.77 -14.52
N ILE A 122 -6.62 -7.54 -14.09
CA ILE A 122 -7.29 -8.56 -13.28
C ILE A 122 -7.60 -9.80 -14.11
N ASP A 123 -7.61 -9.68 -15.44
CA ASP A 123 -7.76 -10.85 -16.29
C ASP A 123 -6.43 -11.47 -16.68
N ALA A 124 -5.36 -10.67 -16.78
CA ALA A 124 -4.05 -11.18 -17.15
C ALA A 124 -3.23 -11.61 -15.94
N ILE A 125 -3.76 -11.48 -14.72
CA ILE A 125 -3.09 -11.90 -13.50
C ILE A 125 -3.86 -13.01 -12.80
N ASP A 126 -5.18 -12.88 -12.72
CA ASP A 126 -5.98 -13.92 -12.07
C ASP A 126 -6.10 -15.16 -12.94
N GLN A 127 -6.35 -15.00 -14.24
CA GLN A 127 -6.51 -16.13 -15.14
C GLN A 127 -5.33 -16.35 -16.07
N LEU A 128 -4.34 -15.45 -16.06
CA LEU A 128 -3.13 -15.60 -16.88
C LEU A 128 -3.44 -15.64 -18.37
N ASN A 129 -4.42 -14.84 -18.81
CA ASN A 129 -4.72 -14.72 -20.22
C ASN A 129 -4.00 -13.50 -20.79
N PRO A 130 -3.03 -13.67 -21.68
CA PRO A 130 -2.38 -12.50 -22.29
C PRO A 130 -3.37 -11.70 -23.11
N ALA A 131 -3.15 -10.38 -23.15
CA ALA A 131 -4.03 -9.46 -23.86
C ALA A 131 -3.90 -9.70 -25.36
N TYR A 132 -5.03 -9.88 -26.03
CA TYR A 132 -5.02 -10.07 -27.48
C TYR A 132 -5.76 -8.94 -28.17
N ALA B 1 -7.53 -10.62 -21.76
CA ALA B 1 -8.71 -9.99 -22.35
C ALA B 1 -8.36 -9.32 -23.67
N LYS B 2 -9.26 -8.48 -24.16
CA LYS B 2 -9.09 -7.78 -25.41
C LYS B 2 -8.57 -6.37 -25.16
N LEU B 3 -7.64 -5.93 -26.01
CA LEU B 3 -7.09 -4.59 -25.87
C LEU B 3 -8.14 -3.55 -26.23
N GLU B 4 -8.50 -2.72 -25.26
CA GLU B 4 -9.42 -1.61 -25.48
C GLU B 4 -8.84 -0.38 -24.80
N THR B 5 -9.51 0.76 -25.00
CA THR B 5 -9.08 1.98 -24.32
C THR B 5 -9.29 1.84 -22.82
N VAL B 6 -8.27 2.18 -22.04
CA VAL B 6 -8.30 2.04 -20.59
C VAL B 6 -8.35 3.42 -19.98
N THR B 7 -9.45 3.72 -19.30
CA THR B 7 -9.65 5.02 -18.65
C THR B 7 -9.45 4.82 -17.15
N LEU B 8 -8.43 5.46 -16.61
CA LEU B 8 -8.11 5.36 -15.18
C LEU B 8 -8.48 6.67 -14.50
N GLY B 9 -9.36 6.58 -13.50
CA GLY B 9 -9.80 7.74 -12.75
C GLY B 9 -9.30 7.69 -11.32
N ASN B 10 -9.36 8.86 -10.67
CA ASN B 10 -8.91 9.01 -9.29
C ASN B 10 -7.44 8.66 -9.14
N ILE B 11 -6.60 9.32 -9.93
CA ILE B 11 -5.15 9.12 -9.86
C ILE B 11 -4.49 10.46 -9.56
N GLY B 12 -3.16 10.48 -9.49
CA GLY B 12 -2.42 11.67 -9.17
C GLY B 12 -2.29 11.91 -7.68
N LYS B 13 -1.53 12.94 -7.34
CA LYS B 13 -1.25 13.23 -5.94
C LYS B 13 -2.52 13.58 -5.18
N ASP B 14 -3.37 14.42 -5.78
CA ASP B 14 -4.58 14.87 -5.12
C ASP B 14 -5.78 13.95 -5.34
N GLY B 15 -5.66 12.96 -6.22
CA GLY B 15 -6.75 12.05 -6.50
C GLY B 15 -7.78 12.57 -7.47
N LYS B 16 -7.51 13.67 -8.16
CA LYS B 16 -8.45 14.34 -9.06
C LYS B 16 -7.76 14.44 -10.40
N GLN B 17 -7.86 13.38 -11.20
CA GLN B 17 -7.06 13.24 -12.40
C GLN B 17 -7.58 12.04 -13.17
N THR B 18 -7.38 12.06 -14.49
CA THR B 18 -7.76 10.94 -15.34
C THR B 18 -6.67 10.72 -16.38
N LEU B 19 -6.54 9.47 -16.81
CA LEU B 19 -5.55 9.12 -17.83
C LEU B 19 -6.19 8.13 -18.79
N VAL B 20 -6.34 8.53 -20.05
CA VAL B 20 -6.93 7.68 -21.07
C VAL B 20 -5.82 7.10 -21.94
N LEU B 21 -5.78 5.77 -22.00
CA LEU B 21 -4.72 5.05 -22.71
C LEU B 21 -5.33 4.34 -23.90
N ASN B 22 -4.81 4.63 -25.10
CA ASN B 22 -5.33 3.97 -26.29
C ASN B 22 -4.47 2.75 -26.65
N PRO B 23 -5.08 1.68 -27.13
CA PRO B 23 -4.30 0.50 -27.50
C PRO B 23 -3.41 0.75 -28.72
N ARG B 24 -2.29 0.03 -28.76
CA ARG B 24 -1.35 0.11 -29.87
C ARG B 24 -1.00 -1.25 -30.45
N GLY B 25 -1.67 -2.31 -30.03
CA GLY B 25 -1.49 -3.62 -30.63
C GLY B 25 -0.48 -4.47 -29.88
N VAL B 26 -0.56 -5.77 -30.12
CA VAL B 26 0.31 -6.75 -29.48
C VAL B 26 1.50 -7.03 -30.38
N ASN B 27 2.70 -6.89 -29.84
CA ASN B 27 3.90 -7.20 -30.59
C ASN B 27 4.04 -8.72 -30.72
N PRO B 28 4.05 -9.27 -31.94
CA PRO B 28 4.14 -10.73 -32.07
C PRO B 28 5.51 -11.29 -31.80
N THR B 29 6.57 -10.48 -31.92
CA THR B 29 7.93 -10.99 -31.69
C THR B 29 8.15 -11.42 -30.26
N ASN B 30 7.63 -10.68 -29.28
CA ASN B 30 7.83 -11.01 -27.89
C ASN B 30 6.55 -11.01 -27.05
N GLY B 31 5.38 -10.85 -27.66
CA GLY B 31 4.13 -10.97 -26.94
C GLY B 31 3.92 -9.90 -25.88
N VAL B 32 4.16 -8.65 -26.23
CA VAL B 32 4.03 -7.53 -25.30
C VAL B 32 2.94 -6.61 -25.83
N ALA B 33 1.81 -6.54 -25.13
CA ALA B 33 0.73 -5.63 -25.48
C ALA B 33 1.06 -4.24 -24.97
N SER B 34 0.89 -3.24 -25.84
CA SER B 34 1.29 -1.88 -25.55
C SER B 34 0.08 -0.96 -25.51
N LEU B 35 0.07 -0.06 -24.53
CA LEU B 35 -0.94 0.97 -24.40
C LEU B 35 -0.24 2.32 -24.35
N SER B 36 -0.77 3.30 -25.07
CA SER B 36 -0.15 4.61 -25.15
C SER B 36 -1.20 5.70 -25.06
N GLN B 37 -0.76 6.88 -24.61
CA GLN B 37 -1.62 8.05 -24.54
C GLN B 37 -1.69 8.74 -25.90
N ALA B 38 -2.83 9.37 -26.17
CA ALA B 38 -3.05 10.00 -27.46
C ALA B 38 -2.27 11.30 -27.58
N GLY B 39 -1.20 11.28 -28.38
CA GLY B 39 -0.43 12.48 -28.63
C GLY B 39 0.41 12.33 -29.89
N ALA B 40 1.05 13.43 -30.28
CA ALA B 40 2.03 13.44 -31.35
C ALA B 40 3.42 13.38 -30.75
N VAL B 41 4.44 13.43 -31.61
CA VAL B 41 5.83 13.36 -31.17
C VAL B 41 6.01 12.10 -30.34
N PRO B 42 6.10 10.92 -30.97
CA PRO B 42 6.03 9.64 -30.23
C PRO B 42 7.01 9.50 -29.08
N ALA B 43 7.94 10.44 -28.92
CA ALA B 43 8.87 10.42 -27.80
C ALA B 43 8.31 11.10 -26.55
N LEU B 44 7.11 11.67 -26.64
CA LEU B 44 6.49 12.37 -25.52
C LEU B 44 5.18 11.72 -25.12
N GLU B 45 5.12 10.39 -25.11
CA GLU B 45 3.91 9.66 -24.86
C GLU B 45 4.05 8.78 -23.62
N LYS B 46 3.00 8.74 -22.80
CA LYS B 46 2.93 7.75 -21.74
C LYS B 46 2.76 6.36 -22.34
N ARG B 47 3.42 5.38 -21.74
CA ARG B 47 3.39 4.02 -22.25
C ARG B 47 3.12 3.04 -21.12
N VAL B 48 2.31 2.03 -21.41
CA VAL B 48 2.04 0.92 -20.50
C VAL B 48 2.13 -0.36 -21.31
N THR B 49 2.87 -1.34 -20.79
CA THR B 49 3.06 -2.62 -21.47
C THR B 49 2.84 -3.74 -20.49
N VAL B 50 2.02 -4.72 -20.88
CA VAL B 50 1.80 -5.93 -20.09
C VAL B 50 2.17 -7.13 -20.95
N SER B 51 2.61 -8.20 -20.29
CA SER B 51 2.98 -9.42 -21.00
C SER B 51 2.96 -10.58 -20.03
N VAL B 52 2.62 -11.75 -20.56
CA VAL B 52 2.61 -13.00 -19.82
C VAL B 52 3.46 -14.02 -20.55
N SER B 53 4.25 -14.76 -19.78
CA SER B 53 5.20 -15.73 -20.35
C SER B 53 4.85 -17.12 -19.86
N GLN B 54 4.60 -18.03 -20.80
CA GLN B 54 4.33 -19.41 -20.44
C GLN B 54 5.61 -20.10 -19.99
N PRO B 55 5.51 -21.15 -19.18
CA PRO B 55 6.71 -21.85 -18.71
C PRO B 55 7.38 -22.61 -19.84
N SER B 56 8.59 -22.21 -20.18
CA SER B 56 9.37 -22.89 -21.20
C SER B 56 10.24 -23.96 -20.55
N ARG B 57 11.15 -24.55 -21.33
CA ARG B 57 12.04 -25.57 -20.79
C ARG B 57 13.06 -24.97 -19.82
N ASN B 58 13.34 -23.68 -19.92
CA ASN B 58 14.33 -23.01 -19.07
C ASN B 58 13.72 -22.33 -17.86
N ARG B 59 12.49 -21.83 -17.97
CA ARG B 59 11.90 -21.04 -16.90
C ARG B 59 11.05 -21.90 -15.97
N LYS B 60 10.07 -22.62 -16.54
CA LYS B 60 9.17 -23.49 -15.78
C LYS B 60 8.45 -22.74 -14.66
N ASN B 61 8.03 -21.51 -14.96
CA ASN B 61 7.36 -20.66 -13.97
C ASN B 61 6.66 -19.51 -14.67
N TYR B 62 5.36 -19.33 -14.42
CA TYR B 62 4.62 -18.25 -15.06
C TYR B 62 5.13 -16.89 -14.58
N LYS B 63 5.16 -15.93 -15.49
CA LYS B 63 5.65 -14.59 -15.19
C LYS B 63 4.76 -13.56 -15.87
N VAL B 64 4.31 -12.58 -15.08
CA VAL B 64 3.50 -11.47 -15.58
C VAL B 64 4.28 -10.20 -15.31
N GLN B 65 4.46 -9.38 -16.35
CA GLN B 65 5.30 -8.20 -16.25
C GLN B 65 4.53 -6.98 -16.75
N VAL B 66 4.53 -5.91 -15.95
CA VAL B 66 3.85 -4.67 -16.27
C VAL B 66 4.86 -3.53 -16.16
N LYS B 67 4.98 -2.73 -17.21
CA LYS B 67 5.92 -1.61 -17.23
C LYS B 67 5.18 -0.35 -17.65
N ILE B 68 5.42 0.74 -16.92
CA ILE B 68 4.86 2.04 -17.25
C ILE B 68 6.01 3.04 -17.32
N GLN B 69 5.87 4.02 -18.22
CA GLN B 69 6.92 4.99 -18.49
C GLN B 69 6.30 6.34 -18.79
N ASN B 70 6.73 7.37 -18.06
CA ASN B 70 6.18 8.72 -18.22
C ASN B 70 7.30 9.71 -18.53
N PRO B 71 7.42 10.18 -19.76
CA PRO B 71 8.40 11.22 -20.06
C PRO B 71 7.84 12.63 -19.87
N THR B 72 8.74 13.56 -19.55
CA THR B 72 8.39 14.95 -19.34
C THR B 72 9.07 15.82 -20.40
N ALA B 73 8.36 16.85 -20.85
CA ALA B 73 8.81 17.71 -21.93
C ALA B 73 9.14 19.10 -21.40
N CYS B 74 10.17 19.71 -21.99
CA CYS B 74 10.57 21.06 -21.61
C CYS B 74 11.20 21.73 -22.82
N THR B 75 10.69 22.93 -23.15
CA THR B 75 11.19 23.70 -24.28
C THR B 75 12.42 24.49 -23.82
N ALA B 76 13.61 24.00 -24.17
CA ALA B 76 14.84 24.61 -23.70
C ALA B 76 15.08 25.95 -24.41
N ASN B 77 16.06 26.70 -23.90
CA ASN B 77 16.39 27.98 -24.47
C ASN B 77 17.01 27.82 -25.85
N GLY B 78 16.64 28.71 -26.76
CA GLY B 78 17.18 28.66 -28.11
C GLY B 78 16.72 27.47 -28.91
N SER B 79 15.60 26.86 -28.52
CA SER B 79 15.06 25.70 -29.22
C SER B 79 13.58 25.93 -29.50
N CYS B 80 13.09 25.31 -30.57
CA CYS B 80 11.73 25.49 -31.03
C CYS B 80 10.81 24.35 -30.61
N ASP B 81 11.19 23.11 -30.89
CA ASP B 81 10.30 22.01 -30.53
C ASP B 81 10.69 21.43 -29.17
N PRO B 82 9.71 20.98 -28.38
CA PRO B 82 10.01 20.41 -27.07
C PRO B 82 10.78 19.12 -27.18
N SER B 83 11.62 18.86 -26.18
CA SER B 83 12.40 17.63 -26.07
C SER B 83 11.99 16.91 -24.79
N VAL B 84 12.71 15.84 -24.48
CA VAL B 84 12.44 15.03 -23.29
C VAL B 84 13.57 15.26 -22.31
N THR B 85 13.22 15.54 -21.05
CA THR B 85 14.24 15.84 -20.04
C THR B 85 14.40 14.69 -19.06
N ARG B 86 13.31 14.24 -18.46
CA ARG B 86 13.34 13.22 -17.44
C ARG B 86 12.46 12.04 -17.84
N GLN B 87 12.80 10.86 -17.32
CA GLN B 87 12.02 9.66 -17.51
C GLN B 87 11.65 9.09 -16.14
N ALA B 88 10.41 8.60 -16.02
CA ALA B 88 9.94 7.99 -14.78
C ALA B 88 9.44 6.60 -15.11
N TYR B 89 10.07 5.58 -14.52
CA TYR B 89 9.75 4.19 -14.80
C TYR B 89 9.13 3.54 -13.58
N ALA B 90 8.46 2.41 -13.83
CA ALA B 90 7.97 1.53 -12.78
C ALA B 90 7.80 0.14 -13.37
N ASP B 91 8.42 -0.85 -12.74
CA ASP B 91 8.49 -2.19 -13.28
C ASP B 91 7.88 -3.15 -12.26
N VAL B 92 6.89 -3.93 -12.70
CA VAL B 92 6.22 -4.90 -11.83
C VAL B 92 6.39 -6.28 -12.44
N THR B 93 6.77 -7.24 -11.62
CA THR B 93 6.98 -8.62 -12.07
C THR B 93 6.32 -9.57 -11.10
N PHE B 94 5.45 -10.44 -11.61
CA PHE B 94 4.77 -11.47 -10.83
C PHE B 94 5.33 -12.83 -11.20
N SER B 95 5.35 -13.74 -10.24
CA SER B 95 5.77 -15.12 -10.47
C SER B 95 4.78 -16.07 -9.81
N PHE B 96 4.29 -17.04 -10.57
CA PHE B 96 3.29 -17.97 -10.06
C PHE B 96 3.60 -19.38 -10.55
N THR B 97 3.59 -20.33 -9.62
CA THR B 97 3.82 -21.73 -9.95
C THR B 97 2.63 -22.26 -10.75
N GLN B 98 2.89 -23.33 -11.52
CA GLN B 98 1.86 -23.92 -12.36
C GLN B 98 0.66 -24.39 -11.56
N TYR B 99 0.83 -24.68 -10.27
CA TYR B 99 -0.24 -25.17 -9.43
C TYR B 99 -0.87 -24.07 -8.58
N SER B 100 -0.59 -22.81 -8.88
CA SER B 100 -1.16 -21.71 -8.12
C SER B 100 -2.60 -21.47 -8.52
N THR B 101 -3.50 -21.48 -7.54
CA THR B 101 -4.91 -21.30 -7.81
C THR B 101 -5.20 -19.83 -8.10
N ASP B 102 -6.46 -19.54 -8.44
CA ASP B 102 -6.86 -18.17 -8.75
C ASP B 102 -6.87 -17.30 -7.49
N GLU B 103 -7.24 -17.89 -6.35
CA GLU B 103 -7.32 -17.12 -5.12
C GLU B 103 -5.97 -16.53 -4.73
N GLU B 104 -4.89 -17.30 -4.87
CA GLU B 104 -3.57 -16.79 -4.50
C GLU B 104 -3.16 -15.62 -5.39
N ARG B 105 -3.36 -15.74 -6.70
CA ARG B 105 -2.97 -14.68 -7.61
C ARG B 105 -3.79 -13.42 -7.39
N ALA B 106 -5.10 -13.57 -7.19
CA ALA B 106 -5.94 -12.42 -6.87
C ALA B 106 -5.53 -11.78 -5.56
N PHE B 107 -5.19 -12.59 -4.56
CA PHE B 107 -4.75 -12.06 -3.28
C PHE B 107 -3.48 -11.26 -3.44
N VAL B 108 -2.52 -11.75 -4.22
CA VAL B 108 -1.27 -11.02 -4.42
C VAL B 108 -1.53 -9.70 -5.14
N ARG B 109 -2.34 -9.74 -6.20
CA ARG B 109 -2.62 -8.52 -6.95
C ARG B 109 -3.29 -7.46 -6.08
N THR B 110 -4.34 -7.85 -5.35
CA THR B 110 -5.04 -6.89 -4.51
C THR B 110 -4.19 -6.44 -3.32
N GLU B 111 -3.35 -7.31 -2.78
CA GLU B 111 -2.44 -6.89 -1.71
C GLU B 111 -1.47 -5.83 -2.20
N LEU B 112 -0.91 -6.01 -3.40
CA LEU B 112 -0.03 -4.99 -3.94
C LEU B 112 -0.78 -3.68 -4.21
N ALA B 113 -1.98 -3.79 -4.79
CA ALA B 113 -2.77 -2.59 -5.08
C ALA B 113 -3.17 -1.84 -3.82
N ALA B 114 -3.33 -2.54 -2.69
CA ALA B 114 -3.64 -1.87 -1.44
C ALA B 114 -2.40 -1.37 -0.71
N LEU B 115 -1.26 -2.04 -0.89
CA LEU B 115 -0.01 -1.54 -0.34
C LEU B 115 0.39 -0.23 -0.99
N LEU B 116 0.17 -0.10 -2.30
CA LEU B 116 0.57 1.13 -2.98
C LEU B 116 -0.26 2.35 -2.56
N ALA B 117 -1.17 2.21 -1.60
CA ALA B 117 -1.93 3.34 -1.08
C ALA B 117 -1.76 3.57 0.41
N SER B 118 -1.03 2.71 1.12
CA SER B 118 -0.80 2.90 2.54
C SER B 118 0.10 4.11 2.76
N PRO B 119 0.00 4.76 3.93
CA PRO B 119 0.86 5.94 4.19
C PRO B 119 2.34 5.66 4.11
N LEU B 120 2.78 4.44 4.47
CA LEU B 120 4.19 4.10 4.36
C LEU B 120 4.69 4.24 2.93
N LEU B 121 3.96 3.66 1.98
CA LEU B 121 4.40 3.72 0.58
C LEU B 121 4.26 5.11 0.00
N ILE B 122 3.20 5.85 0.33
CA ILE B 122 3.09 7.20 -0.19
C ILE B 122 4.21 8.07 0.34
N ASP B 123 4.63 7.86 1.60
CA ASP B 123 5.75 8.63 2.11
C ASP B 123 7.08 8.19 1.52
N ALA B 124 7.24 6.90 1.24
CA ALA B 124 8.50 6.40 0.70
C ALA B 124 8.66 6.67 -0.79
N ILE B 125 7.57 6.93 -1.51
CA ILE B 125 7.64 7.18 -2.94
C ILE B 125 7.46 8.66 -3.28
N ASP B 126 6.50 9.33 -2.65
CA ASP B 126 6.30 10.75 -2.93
C ASP B 126 7.44 11.60 -2.35
N GLN B 127 7.86 11.31 -1.12
CA GLN B 127 8.86 12.10 -0.43
C GLN B 127 10.21 11.40 -0.32
N LEU B 128 10.30 10.13 -0.70
CA LEU B 128 11.57 9.40 -0.76
C LEU B 128 12.20 9.24 0.61
N ASN B 129 11.40 9.32 1.66
CA ASN B 129 11.89 9.07 3.01
C ASN B 129 11.96 7.57 3.26
N PRO B 130 13.12 7.02 3.58
CA PRO B 130 13.19 5.59 3.87
C PRO B 130 12.39 5.22 5.11
N ALA B 131 11.86 4.01 5.11
CA ALA B 131 11.06 3.51 6.22
C ALA B 131 11.96 3.33 7.44
N TYR B 132 11.84 4.23 8.41
CA TYR B 132 12.66 4.16 9.61
C TYR B 132 11.81 4.28 10.87
N ILE C 1 -26.59 14.43 -22.36
CA ILE C 1 -27.57 13.73 -21.54
C ILE C 1 -28.19 14.69 -20.54
N VAL C 2 -29.25 14.23 -19.87
CA VAL C 2 -30.02 15.06 -18.94
C VAL C 2 -29.87 14.49 -17.54
N MET C 3 -29.80 15.38 -16.55
CA MET C 3 -29.67 14.99 -15.16
C MET C 3 -30.87 15.53 -14.38
N SER C 4 -31.55 14.65 -13.66
CA SER C 4 -32.71 15.00 -12.87
C SER C 4 -32.54 14.51 -11.44
N GLN C 5 -33.25 15.16 -10.52
CA GLN C 5 -33.16 14.81 -9.11
C GLN C 5 -34.49 15.15 -8.43
N SER C 6 -34.53 14.93 -7.12
CA SER C 6 -35.77 15.06 -6.36
C SER C 6 -36.18 16.53 -6.26
N PRO C 7 -37.47 16.79 -6.02
CA PRO C 7 -37.94 18.19 -5.92
C PRO C 7 -37.41 18.91 -4.69
N SER C 8 -37.87 20.14 -4.48
CA SER C 8 -37.36 20.99 -3.42
C SER C 8 -37.63 20.47 -2.02
N SER C 9 -38.53 19.48 -1.87
CA SER C 9 -38.83 18.92 -0.56
C SER C 9 -37.63 18.19 0.02
N VAL C 18 -32.69 13.15 6.18
CA VAL C 18 -33.00 13.45 4.79
C VAL C 18 -32.08 12.69 3.86
N SER C 19 -32.54 12.45 2.63
CA SER C 19 -31.75 11.73 1.64
C SER C 19 -32.20 12.18 0.25
N MET C 20 -31.37 12.99 -0.40
CA MET C 20 -31.65 13.40 -1.77
C MET C 20 -31.26 12.29 -2.74
N SER C 21 -31.70 12.43 -3.98
CA SER C 21 -31.41 11.44 -5.01
C SER C 21 -31.36 12.11 -6.37
N CYS C 22 -30.24 11.92 -7.08
CA CYS C 22 -30.06 12.43 -8.43
C CYS C 22 -29.90 11.27 -9.39
N LYS C 23 -30.56 11.38 -10.55
CA LYS C 23 -30.56 10.31 -11.54
C LYS C 23 -30.21 10.89 -12.91
N SER C 24 -29.27 10.24 -13.60
CA SER C 24 -28.87 10.68 -14.92
C SER C 24 -29.64 9.91 -15.99
N SER C 25 -29.40 10.26 -17.25
CA SER C 25 -30.07 9.59 -18.37
C SER C 25 -29.44 8.23 -18.63
N GLN C 26 -28.17 8.21 -18.99
CA GLN C 26 -27.45 6.98 -19.25
C GLN C 26 -26.43 6.72 -18.14
N SER C 27 -25.62 5.68 -18.31
CA SER C 27 -24.68 5.28 -17.27
C SER C 27 -23.58 6.32 -17.10
N LEU C 28 -22.95 6.30 -15.94
CA LEU C 28 -21.88 7.23 -15.62
C LEU C 28 -20.55 6.58 -15.29
N LEU C 29 -20.47 5.24 -15.25
CA LEU C 29 -19.19 4.58 -15.10
C LEU C 29 -18.42 4.66 -16.40
N TYR C 30 -17.46 5.58 -16.48
CA TYR C 30 -16.64 5.76 -17.67
C TYR C 30 -15.24 5.21 -17.51
N SER C 31 -14.81 4.90 -16.30
CA SER C 31 -13.45 4.46 -16.04
C SER C 31 -13.36 2.94 -16.05
N SER C 32 -12.14 2.44 -16.29
CA SER C 32 -11.89 1.01 -16.16
C SER C 32 -11.99 0.52 -14.73
N ASN C 33 -11.75 1.38 -13.75
CA ASN C 33 -12.05 1.10 -12.37
C ASN C 33 -13.55 1.24 -12.14
N GLN C 34 -13.98 1.07 -10.90
CA GLN C 34 -15.38 1.23 -10.54
C GLN C 34 -15.62 2.62 -9.95
N LYS C 35 -15.40 3.64 -10.78
CA LYS C 35 -15.46 5.03 -10.35
C LYS C 35 -16.52 5.76 -11.16
N ASN C 36 -17.44 6.43 -10.45
CA ASN C 36 -18.45 7.27 -11.07
C ASN C 36 -17.91 8.68 -11.28
N TYR C 37 -18.64 9.46 -12.08
CA TYR C 37 -18.22 10.80 -12.42
C TYR C 37 -19.25 11.84 -11.98
N LEU C 38 -19.74 11.72 -10.74
CA LEU C 38 -20.69 12.66 -10.17
C LEU C 38 -20.05 13.53 -9.11
N ALA C 39 -20.50 14.78 -9.04
CA ALA C 39 -20.08 15.71 -8.01
C ALA C 39 -21.31 16.36 -7.40
N TRP C 40 -21.23 16.67 -6.11
CA TRP C 40 -22.29 17.33 -5.38
C TRP C 40 -21.84 18.72 -4.97
N PHE C 41 -22.75 19.69 -5.08
CA PHE C 41 -22.45 21.07 -4.79
C PHE C 41 -23.50 21.63 -3.84
N GLN C 42 -23.10 22.68 -3.12
CA GLN C 42 -24.04 23.48 -2.34
C GLN C 42 -23.60 24.93 -2.42
N GLN C 43 -24.54 25.84 -2.19
CA GLN C 43 -24.21 27.26 -2.21
C GLN C 43 -25.16 28.02 -1.30
N LYS C 44 -24.58 28.88 -0.47
CA LYS C 44 -25.36 29.92 0.16
C LYS C 44 -25.83 30.89 -0.92
N PRO C 45 -27.08 31.37 -0.84
CA PRO C 45 -27.62 32.20 -1.93
C PRO C 45 -26.80 33.44 -2.26
N GLY C 46 -25.76 33.75 -1.49
CA GLY C 46 -24.91 34.88 -1.80
C GLY C 46 -23.45 34.53 -1.97
N GLN C 47 -23.16 33.26 -2.23
CA GLN C 47 -21.79 32.78 -2.36
C GLN C 47 -21.68 31.83 -3.54
N SER C 48 -20.44 31.53 -3.92
CA SER C 48 -20.14 30.59 -4.99
C SER C 48 -20.40 29.16 -4.53
N PRO C 49 -20.73 28.27 -5.46
CA PRO C 49 -20.95 26.87 -5.09
C PRO C 49 -19.69 26.23 -4.52
N LYS C 50 -19.89 25.31 -3.60
CA LYS C 50 -18.81 24.60 -2.93
C LYS C 50 -18.88 23.12 -3.26
N LEU C 51 -17.75 22.54 -3.64
CA LEU C 51 -17.68 21.12 -3.95
C LEU C 51 -17.78 20.32 -2.66
N LEU C 52 -18.73 19.38 -2.61
CA LEU C 52 -18.92 18.56 -1.42
C LEU C 52 -18.30 17.17 -1.60
N ILE C 53 -18.74 16.44 -2.62
CA ILE C 53 -18.30 15.07 -2.86
C ILE C 53 -17.95 14.92 -4.34
N TYR C 54 -16.79 14.33 -4.62
CA TYR C 54 -16.41 13.98 -5.98
C TYR C 54 -16.09 12.49 -6.05
N TRP C 55 -16.15 11.94 -7.26
CA TRP C 55 -16.15 10.49 -7.49
C TRP C 55 -17.31 9.81 -6.76
N ALA C 56 -18.29 10.62 -6.35
CA ALA C 56 -19.52 10.20 -5.70
C ALA C 56 -19.31 9.62 -4.30
N SER C 57 -18.06 9.46 -3.88
CA SER C 57 -17.80 8.91 -2.54
C SER C 57 -16.68 9.57 -1.75
N THR C 58 -15.83 10.39 -2.37
CA THR C 58 -14.56 10.74 -1.75
C THR C 58 -14.68 11.71 -0.58
N ARG C 59 -15.71 12.56 -0.54
CA ARG C 59 -15.89 13.49 0.57
C ARG C 59 -14.68 14.41 0.72
N GLU C 60 -14.48 15.30 -0.25
CA GLU C 60 -13.34 16.22 -0.27
C GLU C 60 -13.03 16.79 1.10
N SER C 61 -11.74 16.90 1.41
CA SER C 61 -11.30 17.43 2.69
C SER C 61 -11.78 18.87 2.85
N GLY C 62 -12.17 19.22 4.07
CA GLY C 62 -12.74 20.53 4.37
C GLY C 62 -14.24 20.54 4.53
N VAL C 63 -14.89 19.39 4.57
CA VAL C 63 -16.34 19.32 4.70
C VAL C 63 -16.65 18.44 5.92
N PRO C 64 -17.73 18.70 6.65
CA PRO C 64 -18.09 17.83 7.77
C PRO C 64 -18.41 16.40 7.30
N ASP C 65 -18.20 15.47 8.22
CA ASP C 65 -18.37 14.05 7.93
C ASP C 65 -19.82 13.63 7.76
N ARG C 66 -20.78 14.51 8.04
CA ARG C 66 -22.19 14.15 7.93
C ARG C 66 -22.63 13.95 6.49
N PHE C 67 -21.94 14.55 5.53
CA PHE C 67 -22.31 14.44 4.10
C PHE C 67 -21.70 13.16 3.56
N THR C 68 -22.50 12.09 3.52
CA THR C 68 -22.06 10.80 3.01
C THR C 68 -22.83 10.48 1.74
N GLY C 69 -22.12 10.43 0.61
CA GLY C 69 -22.73 10.10 -0.65
C GLY C 69 -22.40 8.68 -1.10
N SER C 70 -23.31 8.09 -1.87
CA SER C 70 -23.13 6.74 -2.37
C SER C 70 -24.01 6.53 -3.58
N GLY C 71 -23.70 5.49 -4.35
CA GLY C 71 -24.52 5.13 -5.48
C GLY C 71 -23.75 4.62 -6.68
N SER C 72 -24.32 3.65 -7.39
CA SER C 72 -23.74 3.14 -8.62
C SER C 72 -24.26 3.96 -9.80
N GLY C 73 -24.02 3.48 -11.01
CA GLY C 73 -24.41 4.24 -12.19
C GLY C 73 -25.91 4.51 -12.25
N THR C 74 -26.25 5.73 -12.62
CA THR C 74 -27.60 6.25 -12.84
C THR C 74 -28.42 6.35 -11.56
N ASP C 75 -27.89 5.93 -10.42
CA ASP C 75 -28.65 5.97 -9.16
C ASP C 75 -27.72 6.46 -8.06
N PHE C 76 -27.79 7.76 -7.77
CA PHE C 76 -26.93 8.40 -6.78
C PHE C 76 -27.78 9.06 -5.70
N THR C 77 -27.20 9.20 -4.52
CA THR C 77 -27.92 9.77 -3.39
C THR C 77 -26.95 10.50 -2.48
N LEU C 78 -27.49 11.41 -1.68
CA LEU C 78 -26.73 12.15 -0.67
C LEU C 78 -27.52 12.14 0.62
N THR C 79 -26.86 11.78 1.73
CA THR C 79 -27.51 11.69 3.02
C THR C 79 -27.08 12.84 3.90
N ILE C 80 -28.06 13.55 4.47
CA ILE C 80 -27.89 14.71 5.35
C ILE C 80 -26.66 15.55 5.02
N TYR C 91 -28.61 22.28 -3.31
CA TYR C 91 -27.74 21.13 -3.49
C TYR C 91 -27.83 20.60 -4.92
N TYR C 92 -26.79 20.87 -5.70
CA TYR C 92 -26.76 20.48 -7.11
C TYR C 92 -25.99 19.18 -7.28
N CYS C 93 -26.47 18.36 -8.22
CA CYS C 93 -25.73 17.19 -8.68
C CYS C 93 -25.19 17.47 -10.07
N HIS C 94 -23.90 17.20 -10.27
CA HIS C 94 -23.20 17.65 -11.47
C HIS C 94 -22.26 16.56 -11.95
N GLN C 95 -22.32 16.26 -13.25
CA GLN C 95 -21.34 15.40 -13.90
C GLN C 95 -20.21 16.23 -14.47
N TYR C 96 -19.01 15.67 -14.46
CA TYR C 96 -17.84 16.44 -14.88
C TYR C 96 -16.97 15.66 -15.86
N TYR C 97 -17.57 14.82 -16.70
CA TYR C 97 -16.81 14.08 -17.68
C TYR C 97 -16.98 14.61 -19.10
N SER C 98 -18.21 14.68 -19.60
CA SER C 98 -18.45 14.99 -21.00
C SER C 98 -19.28 16.24 -21.23
N TYR C 99 -20.42 16.39 -20.55
CA TYR C 99 -21.32 17.51 -20.82
C TYR C 99 -21.32 18.59 -19.77
N TYR C 100 -20.87 18.31 -18.55
CA TYR C 100 -20.72 19.31 -17.50
C TYR C 100 -22.05 20.01 -17.17
N THR C 101 -23.16 19.28 -17.22
CA THR C 101 -24.47 19.85 -16.96
C THR C 101 -24.87 19.62 -15.51
N PHE C 102 -25.66 20.55 -14.98
CA PHE C 102 -26.05 20.50 -13.58
C PHE C 102 -27.47 19.94 -13.45
N GLY C 103 -28.00 19.91 -12.24
CA GLY C 103 -29.36 19.48 -12.01
C GLY C 103 -30.11 20.39 -11.06
N GLY C 104 -31.23 20.95 -11.52
CA GLY C 104 -31.99 21.88 -10.70
C GLY C 104 -32.62 21.18 -9.51
N GLY C 105 -32.39 21.70 -8.31
CA GLY C 105 -33.00 21.13 -7.12
C GLY C 105 -32.58 21.93 -5.91
N THR C 106 -33.24 21.63 -4.80
CA THR C 106 -32.96 22.32 -3.54
C THR C 106 -31.62 21.88 -2.97
N LYS D 1 -16.87 41.68 -21.80
CA LYS D 1 -15.47 41.43 -21.49
C LYS D 1 -15.31 41.14 -20.00
N LEU D 2 -15.39 39.85 -19.64
CA LEU D 2 -15.31 39.41 -18.26
C LEU D 2 -13.96 38.72 -18.03
N SER D 3 -13.28 39.11 -16.97
CA SER D 3 -11.94 38.60 -16.68
C SER D 3 -11.96 37.68 -15.45
N CYS D 4 -11.05 36.72 -15.45
CA CYS D 4 -10.89 35.80 -14.33
C CYS D 4 -9.40 35.55 -14.15
N LYS D 5 -8.85 35.98 -13.02
CA LYS D 5 -7.43 35.85 -12.73
C LYS D 5 -7.20 34.70 -11.76
N ALA D 6 -6.35 33.76 -12.15
CA ALA D 6 -6.03 32.60 -11.33
C ALA D 6 -4.64 32.75 -10.75
N SER D 7 -4.52 32.54 -9.44
CA SER D 7 -3.25 32.65 -8.74
C SER D 7 -3.20 31.61 -7.63
N GLY D 8 -2.06 30.93 -7.53
CA GLY D 8 -1.88 29.91 -6.51
C GLY D 8 -1.49 28.57 -7.08
N TYR D 9 -1.41 28.47 -8.40
CA TYR D 9 -1.03 27.22 -9.06
C TYR D 9 -0.51 27.54 -10.45
N THR D 10 0.15 26.56 -11.06
CA THR D 10 0.66 26.72 -12.41
C THR D 10 -0.51 26.84 -13.38
N PHE D 11 -0.55 27.94 -14.13
CA PHE D 11 -1.72 28.27 -14.92
C PHE D 11 -1.89 27.38 -16.15
N THR D 12 -0.82 26.73 -16.61
CA THR D 12 -0.88 25.99 -17.85
C THR D 12 -1.85 24.82 -17.82
N THR D 13 -2.09 24.23 -16.65
CA THR D 13 -3.02 23.12 -16.51
C THR D 13 -4.42 23.64 -16.21
N HIS D 14 -5.31 22.76 -15.77
CA HIS D 14 -6.57 23.16 -15.16
C HIS D 14 -7.47 23.97 -16.09
N TRP D 15 -8.04 23.32 -17.10
CA TRP D 15 -9.08 23.90 -17.95
C TRP D 15 -10.00 24.81 -17.15
N MET D 16 -10.21 26.02 -17.65
CA MET D 16 -11.02 27.02 -16.96
C MET D 16 -12.45 26.97 -17.48
N HIS D 17 -13.41 26.89 -16.57
CA HIS D 17 -14.82 26.72 -16.90
C HIS D 17 -15.62 27.93 -16.45
N TRP D 18 -16.72 28.19 -17.16
CA TRP D 18 -17.62 29.30 -16.87
C TRP D 18 -19.03 28.77 -16.71
N VAL D 19 -19.72 29.20 -15.65
CA VAL D 19 -21.07 28.74 -15.35
C VAL D 19 -21.92 29.95 -14.97
N GLN D 20 -23.12 30.04 -15.55
CA GLN D 20 -24.06 31.11 -15.22
C GLN D 20 -24.54 30.98 -13.78
N TRP D 29 -23.90 25.55 -17.62
CA TRP D 29 -22.55 25.54 -18.17
C TRP D 29 -22.49 26.33 -19.47
N VAL D 30 -21.42 27.10 -19.66
CA VAL D 30 -21.26 27.96 -20.82
C VAL D 30 -20.13 27.45 -21.73
N GLY D 31 -18.92 27.34 -21.20
CA GLY D 31 -17.80 26.96 -22.03
C GLY D 31 -16.56 26.66 -21.20
N ARG D 32 -15.48 26.34 -21.91
CA ARG D 32 -14.22 25.97 -21.29
C ARG D 32 -13.09 26.26 -22.27
N ILE D 33 -11.91 26.54 -21.71
CA ILE D 33 -10.69 26.72 -22.49
C ILE D 33 -9.55 26.00 -21.79
N ASP D 34 -8.47 25.77 -22.54
CA ASP D 34 -7.27 25.17 -22.02
C ASP D 34 -6.16 26.21 -22.22
N PRO D 35 -5.48 26.63 -21.15
CA PRO D 35 -4.38 27.59 -21.30
C PRO D 35 -3.18 27.07 -22.06
N ASN D 36 -3.24 25.86 -22.58
CA ASN D 36 -2.22 25.32 -23.49
C ASN D 36 -2.90 24.97 -24.80
N SER D 37 -2.40 25.54 -25.89
CA SER D 37 -2.90 25.39 -27.26
C SER D 37 -4.26 26.06 -27.46
N GLY D 38 -4.86 26.62 -26.42
CA GLY D 38 -6.08 27.39 -26.55
C GLY D 38 -7.26 26.62 -27.12
N ASN D 39 -7.41 25.35 -26.74
CA ASN D 39 -8.57 24.58 -27.16
C ASN D 39 -9.82 25.09 -26.45
N THR D 40 -10.92 25.20 -27.19
CA THR D 40 -12.16 25.72 -26.65
C THR D 40 -13.32 24.76 -26.93
N ASN D 41 -14.31 24.80 -26.04
CA ASN D 41 -15.53 24.03 -26.19
C ASN D 41 -16.69 24.89 -25.71
N TYR D 42 -17.67 25.12 -26.59
CA TYR D 42 -18.79 26.00 -26.31
C TYR D 42 -20.07 25.21 -26.19
N ASN D 43 -21.06 25.82 -25.53
CA ASN D 43 -22.37 25.20 -25.36
C ASN D 43 -23.24 25.46 -26.59
N LYS D 49 -21.57 33.90 -29.97
CA LYS D 49 -22.22 34.88 -29.10
C LYS D 49 -21.34 35.21 -27.89
N ALA D 50 -20.53 34.23 -27.47
CA ALA D 50 -19.63 34.40 -26.33
C ALA D 50 -18.33 33.65 -26.63
N THR D 51 -17.24 34.38 -26.78
CA THR D 51 -15.93 33.79 -27.04
C THR D 51 -15.01 34.00 -25.85
N LEU D 52 -13.96 33.17 -25.80
CA LEU D 52 -13.00 33.20 -24.71
C LEU D 52 -11.58 33.31 -25.26
N THR D 53 -10.74 34.05 -24.55
CA THR D 53 -9.32 34.16 -24.86
C THR D 53 -8.52 33.95 -23.57
N VAL D 54 -7.22 33.76 -23.74
CA VAL D 54 -6.32 33.50 -22.61
C VAL D 54 -5.13 34.45 -22.71
N ASP D 55 -4.60 34.83 -21.56
CA ASP D 55 -3.44 35.71 -21.47
C ASP D 55 -2.36 35.01 -20.65
N LYS D 56 -1.22 34.72 -21.28
CA LYS D 56 -0.18 33.94 -20.62
C LYS D 56 0.48 34.74 -19.50
N SER D 57 0.84 36.00 -19.77
CA SER D 57 1.66 36.75 -18.83
C SER D 57 0.93 37.00 -17.52
N SER D 58 -0.31 37.47 -17.58
CA SER D 58 -1.05 37.80 -16.37
C SER D 58 -1.85 36.63 -15.84
N SER D 59 -1.88 35.50 -16.55
CA SER D 59 -2.66 34.33 -16.15
C SER D 59 -4.13 34.69 -15.93
N THR D 60 -4.73 35.32 -16.93
CA THR D 60 -6.10 35.79 -16.86
C THR D 60 -6.92 35.18 -18.00
N VAL D 61 -8.15 34.83 -17.70
CA VAL D 61 -9.09 34.30 -18.69
C VAL D 61 -10.12 35.36 -19.01
N TYR D 62 -10.30 35.65 -20.30
CA TYR D 62 -11.21 36.69 -20.74
C TYR D 62 -12.44 36.08 -21.39
N MET D 63 -13.61 36.60 -21.00
CA MET D 63 -14.90 36.12 -21.51
C MET D 63 -15.57 37.26 -22.27
N ARG D 64 -15.58 37.16 -23.59
CA ARG D 64 -16.22 38.16 -24.43
C ARG D 64 -17.71 37.85 -24.57
N LEU D 65 -18.52 38.92 -24.56
CA LEU D 65 -19.96 38.78 -24.79
C LEU D 65 -20.39 39.57 -26.02
N VAL D 75 -25.41 36.41 -13.34
CA VAL D 75 -24.20 36.08 -12.60
C VAL D 75 -23.38 35.07 -13.38
N TYR D 76 -22.08 35.34 -13.51
CA TYR D 76 -21.17 34.46 -14.23
C TYR D 76 -20.08 33.98 -13.26
N PHE D 77 -19.91 32.67 -13.16
CA PHE D 77 -18.92 32.07 -12.28
C PHE D 77 -17.74 31.56 -13.09
N CYS D 78 -16.57 31.57 -12.47
CA CYS D 78 -15.33 31.09 -13.08
C CYS D 78 -14.77 29.98 -12.22
N ALA D 79 -14.56 28.81 -12.82
CA ALA D 79 -14.05 27.64 -12.11
C ALA D 79 -12.96 26.98 -12.92
N ARG D 80 -12.10 26.24 -12.22
CA ARG D 80 -11.02 25.50 -12.84
C ARG D 80 -11.11 24.03 -12.45
N ALA D 81 -10.72 23.17 -13.40
CA ALA D 81 -10.77 21.73 -13.18
C ALA D 81 -9.80 21.07 -14.15
N TYR D 82 -9.46 19.83 -13.85
CA TYR D 82 -8.61 19.03 -14.74
C TYR D 82 -9.42 18.66 -15.99
N ASP D 83 -8.81 17.87 -16.88
CA ASP D 83 -9.47 17.55 -18.14
C ASP D 83 -10.75 16.77 -17.91
N TYR D 84 -10.73 15.82 -16.97
CA TYR D 84 -11.92 15.03 -16.63
C TYR D 84 -12.22 15.04 -15.14
N GLY D 85 -11.77 16.07 -14.42
CA GLY D 85 -11.95 16.13 -12.99
C GLY D 85 -13.05 17.08 -12.58
N PRO D 86 -13.31 17.15 -11.27
CA PRO D 86 -14.39 18.01 -10.78
C PRO D 86 -13.94 19.46 -10.66
N PHE D 87 -14.94 20.34 -10.61
CA PHE D 87 -14.70 21.78 -10.49
C PHE D 87 -14.26 22.06 -9.05
N ASP D 88 -12.97 22.39 -8.87
CA ASP D 88 -12.43 22.51 -7.53
C ASP D 88 -12.79 23.84 -6.89
N TYR D 89 -12.32 24.94 -7.47
CA TYR D 89 -12.46 26.27 -6.89
C TYR D 89 -13.30 27.13 -7.82
N TRP D 90 -14.23 27.88 -7.24
CA TRP D 90 -15.14 28.72 -7.99
C TRP D 90 -14.83 30.19 -7.73
N GLY D 91 -14.68 30.97 -8.80
CA GLY D 91 -14.53 32.40 -8.64
C GLY D 91 -15.85 33.09 -8.34
N GLN D 92 -15.75 34.35 -7.91
CA GLN D 92 -16.94 35.11 -7.58
C GLN D 92 -17.62 35.62 -8.84
N GLY D 93 -18.91 35.96 -8.71
CA GLY D 93 -19.69 36.44 -9.82
C GLY D 93 -19.42 37.89 -10.13
N THR D 94 -20.00 38.35 -11.24
CA THR D 94 -19.85 39.72 -11.71
C THR D 94 -21.17 40.46 -11.86
N THR D 95 -22.27 39.75 -12.11
CA THR D 95 -23.60 40.35 -12.29
C THR D 95 -23.60 41.42 -13.37
N ALA E 1 22.15 -21.65 48.11
CA ALA E 1 21.46 -22.24 49.25
C ALA E 1 21.32 -23.74 49.07
N LYS E 2 20.18 -24.28 49.52
CA LYS E 2 19.88 -25.70 49.38
C LYS E 2 18.65 -25.83 48.48
N LEU E 3 18.67 -26.86 47.63
CA LEU E 3 17.58 -27.03 46.66
C LEU E 3 16.25 -27.26 47.36
N GLU E 4 15.25 -26.48 46.96
CA GLU E 4 13.89 -26.64 47.44
C GLU E 4 12.95 -26.39 46.27
N THR E 5 11.67 -26.71 46.49
CA THR E 5 10.68 -26.46 45.45
C THR E 5 10.55 -24.97 45.19
N VAL E 6 10.51 -24.60 43.91
CA VAL E 6 10.48 -23.21 43.48
C VAL E 6 9.21 -22.99 42.69
N THR E 7 8.42 -21.99 43.09
CA THR E 7 7.11 -21.73 42.50
C THR E 7 7.12 -20.33 41.88
N LEU E 8 7.55 -20.24 40.63
CA LEU E 8 7.46 -18.98 39.91
C LEU E 8 6.01 -18.65 39.60
N GLY E 9 5.65 -17.39 39.76
CA GLY E 9 4.30 -16.93 39.49
C GLY E 9 4.30 -15.74 38.56
N ASN E 10 3.12 -15.44 38.01
CA ASN E 10 2.89 -14.25 37.20
C ASN E 10 3.63 -14.33 35.85
N ILE E 11 4.25 -15.47 35.57
CA ILE E 11 5.00 -15.64 34.32
C ILE E 11 4.02 -15.93 33.19
N GLY E 12 4.50 -15.81 31.96
CA GLY E 12 3.68 -16.02 30.78
C GLY E 12 3.58 -14.77 29.93
N LYS E 13 3.01 -14.95 28.74
CA LYS E 13 2.80 -13.82 27.85
C LYS E 13 1.80 -12.84 28.44
N ASP E 14 0.74 -13.34 29.06
CA ASP E 14 -0.29 -12.50 29.66
C ASP E 14 -0.07 -12.26 31.15
N GLY E 15 0.75 -13.09 31.81
CA GLY E 15 1.02 -12.92 33.21
C GLY E 15 0.09 -13.62 34.17
N LYS E 16 -0.55 -14.71 33.74
CA LYS E 16 -1.49 -15.42 34.60
C LYS E 16 -0.99 -16.78 35.04
N GLN E 17 -0.37 -17.56 34.16
CA GLN E 17 0.02 -18.92 34.50
C GLN E 17 1.20 -18.92 35.46
N THR E 18 1.35 -20.03 36.17
CA THR E 18 2.43 -20.22 37.13
C THR E 18 3.12 -21.54 36.87
N LEU E 19 4.37 -21.64 37.31
CA LEU E 19 5.20 -22.81 37.06
C LEU E 19 5.87 -23.23 38.35
N VAL E 20 5.82 -24.53 38.65
CA VAL E 20 6.38 -25.07 39.89
C VAL E 20 7.50 -26.04 39.51
N LEU E 21 8.69 -25.81 40.06
CA LEU E 21 9.84 -26.66 39.81
C LEU E 21 10.15 -27.51 41.03
N ASN E 22 10.65 -28.72 40.78
CA ASN E 22 11.00 -29.65 41.83
C ASN E 22 12.47 -30.00 41.73
N PRO E 23 13.23 -29.94 42.82
CA PRO E 23 14.66 -30.26 42.75
C PRO E 23 14.89 -31.71 42.34
N ARG E 24 15.95 -31.93 41.58
CA ARG E 24 16.30 -33.27 41.12
C ARG E 24 17.79 -33.59 41.29
N GLY E 25 18.42 -33.09 42.34
CA GLY E 25 19.74 -33.56 42.72
C GLY E 25 20.90 -32.93 41.99
N VAL E 26 21.99 -32.67 42.72
CA VAL E 26 23.19 -32.12 42.11
C VAL E 26 23.98 -33.23 41.45
N ASN E 27 24.48 -32.96 40.25
CA ASN E 27 25.33 -33.92 39.55
C ASN E 27 26.73 -33.89 40.16
N PRO E 28 27.21 -34.99 40.75
CA PRO E 28 28.50 -34.93 41.47
C PRO E 28 29.69 -34.60 40.59
N THR E 29 29.67 -34.99 39.31
CA THR E 29 30.85 -34.83 38.48
C THR E 29 31.17 -33.35 38.23
N ASN E 30 30.16 -32.54 37.95
CA ASN E 30 30.36 -31.14 37.61
C ASN E 30 29.59 -30.18 38.51
N GLY E 31 28.86 -30.70 39.50
CA GLY E 31 28.16 -29.83 40.43
C GLY E 31 27.08 -28.97 39.79
N VAL E 32 26.30 -29.54 38.89
CA VAL E 32 25.23 -28.82 38.20
C VAL E 32 23.92 -29.17 38.87
N ALA E 33 23.42 -28.27 39.70
CA ALA E 33 22.12 -28.47 40.33
C ALA E 33 21.04 -28.49 39.27
N SER E 34 19.98 -29.25 39.54
CA SER E 34 18.90 -29.43 38.57
C SER E 34 17.55 -29.18 39.22
N LEU E 35 16.66 -28.60 38.45
CA LEU E 35 15.27 -28.42 38.83
C LEU E 35 14.39 -28.76 37.64
N SER E 36 13.26 -29.40 37.90
CA SER E 36 12.39 -29.85 36.83
C SER E 36 10.94 -29.73 37.27
N GLN E 37 10.04 -29.68 36.29
CA GLN E 37 8.62 -29.62 36.58
C GLN E 37 8.15 -30.93 37.21
N ALA E 38 6.84 -31.06 37.40
CA ALA E 38 6.34 -32.25 38.09
C ALA E 38 5.42 -33.09 37.20
N GLY E 39 4.77 -32.46 36.23
CA GLY E 39 3.59 -33.07 35.63
C GLY E 39 3.88 -34.16 34.62
N ALA E 40 4.52 -33.79 33.51
CA ALA E 40 4.39 -34.50 32.24
C ALA E 40 5.35 -35.69 32.24
N VAL E 41 5.50 -36.42 31.14
CA VAL E 41 6.42 -37.56 31.01
C VAL E 41 7.85 -37.06 31.20
N PRO E 42 8.74 -37.83 31.84
CA PRO E 42 10.10 -37.32 32.11
C PRO E 42 10.84 -36.80 30.89
N ALA E 43 10.45 -37.17 29.67
CA ALA E 43 11.13 -36.69 28.48
C ALA E 43 10.42 -35.51 27.84
N LEU E 44 9.33 -35.02 28.44
CA LEU E 44 8.53 -33.96 27.86
C LEU E 44 8.30 -32.85 28.89
N GLU E 45 9.35 -32.45 29.58
CA GLU E 45 9.24 -31.78 30.87
C GLU E 45 10.24 -30.63 30.95
N LYS E 46 9.74 -29.46 31.34
CA LYS E 46 10.60 -28.29 31.47
C LYS E 46 11.58 -28.48 32.63
N ARG E 47 12.83 -28.08 32.41
CA ARG E 47 13.88 -28.28 33.40
C ARG E 47 14.80 -27.07 33.44
N VAL E 48 15.38 -26.82 34.61
CA VAL E 48 16.27 -25.70 34.87
C VAL E 48 17.50 -26.23 35.57
N THR E 49 18.67 -25.75 35.15
CA THR E 49 19.94 -26.14 35.75
C THR E 49 20.76 -24.90 36.09
N VAL E 50 21.22 -24.81 37.33
CA VAL E 50 22.08 -23.72 37.79
C VAL E 50 23.33 -24.34 38.41
N SER E 51 24.50 -23.78 38.07
CA SER E 51 25.78 -24.34 38.51
C SER E 51 26.75 -23.19 38.79
N VAL E 52 26.95 -22.88 40.07
CA VAL E 52 27.95 -21.90 40.45
C VAL E 52 29.33 -22.56 40.39
N SER E 53 30.26 -21.92 39.70
CA SER E 53 31.61 -22.46 39.54
C SER E 53 32.55 -21.79 40.54
N GLN E 54 33.79 -22.26 40.59
CA GLN E 54 34.81 -21.75 41.50
C GLN E 54 36.14 -21.73 40.76
N PRO E 55 37.06 -20.83 41.15
CA PRO E 55 38.37 -20.77 40.51
C PRO E 55 39.43 -21.58 41.25
N ASN E 61 38.35 -16.22 38.67
CA ASN E 61 37.06 -15.81 38.14
C ASN E 61 35.94 -16.77 38.53
N TYR E 62 34.83 -16.21 38.98
CA TYR E 62 33.66 -16.98 39.38
C TYR E 62 32.64 -16.94 38.26
N LYS E 63 32.12 -18.11 37.88
CA LYS E 63 31.16 -18.22 36.80
C LYS E 63 29.85 -18.80 37.33
N VAL E 64 28.75 -18.14 37.04
CA VAL E 64 27.41 -18.61 37.35
C VAL E 64 26.68 -18.80 36.03
N GLN E 65 26.22 -20.02 35.77
CA GLN E 65 25.62 -20.36 34.48
C GLN E 65 24.26 -21.01 34.73
N VAL E 66 23.23 -20.48 34.08
CA VAL E 66 21.87 -20.98 34.21
C VAL E 66 21.36 -21.38 32.83
N LYS E 67 20.76 -22.56 32.74
CA LYS E 67 20.18 -23.06 31.51
C LYS E 67 18.74 -23.48 31.76
N ILE E 68 17.85 -23.10 30.84
CA ILE E 68 16.45 -23.53 30.88
C ILE E 68 16.06 -23.98 29.49
N GLN E 69 15.23 -25.03 29.41
CA GLN E 69 14.71 -25.51 28.14
C GLN E 69 13.28 -25.99 28.33
N ASN E 70 12.41 -25.61 27.39
CA ASN E 70 11.02 -26.01 27.45
C ASN E 70 10.65 -26.80 26.19
N PRO E 71 10.55 -28.13 26.28
CA PRO E 71 10.23 -28.92 25.10
C PRO E 71 8.73 -29.00 24.83
N THR E 72 8.34 -28.85 23.57
CA THR E 72 6.95 -28.93 23.16
C THR E 72 6.77 -30.17 22.29
N ALA E 73 5.73 -30.95 22.58
CA ALA E 73 5.56 -32.27 21.98
C ALA E 73 4.24 -32.35 21.24
N CYS E 74 4.28 -32.95 20.05
CA CYS E 74 3.08 -33.34 19.34
C CYS E 74 2.83 -34.83 19.52
N THR E 75 1.68 -35.28 19.02
CA THR E 75 1.36 -36.70 18.96
C THR E 75 1.43 -37.14 17.51
N ALA E 76 2.49 -37.88 17.17
CA ALA E 76 2.65 -38.36 15.79
C ALA E 76 1.50 -39.28 15.42
N ASN E 77 1.09 -39.20 14.15
CA ASN E 77 -0.04 -40.01 13.71
C ASN E 77 0.26 -41.50 13.79
N GLY E 78 1.48 -41.89 13.40
CA GLY E 78 1.81 -43.31 13.36
C GLY E 78 1.88 -43.95 14.73
N SER E 79 2.45 -43.26 15.71
CA SER E 79 2.76 -43.84 17.01
C SER E 79 1.89 -43.22 18.10
N CYS E 80 1.77 -43.96 19.20
CA CYS E 80 1.00 -43.46 20.34
C CYS E 80 1.85 -42.55 21.23
N ASP E 81 3.15 -42.82 21.32
CA ASP E 81 4.02 -42.03 22.16
C ASP E 81 4.21 -40.62 21.59
N PRO E 82 4.28 -39.61 22.46
CA PRO E 82 4.58 -38.26 21.99
C PRO E 82 6.08 -38.01 21.91
N SER E 83 6.52 -37.32 20.88
CA SER E 83 7.94 -37.08 20.65
C SER E 83 8.26 -35.59 20.75
N VAL E 84 9.52 -35.29 21.08
CA VAL E 84 9.93 -33.90 21.18
C VAL E 84 9.99 -33.30 19.78
N THR E 85 9.04 -32.44 19.46
CA THR E 85 9.04 -31.77 18.16
C THR E 85 10.13 -30.70 18.11
N ARG E 86 10.25 -29.91 19.17
CA ARG E 86 11.18 -28.79 19.22
C ARG E 86 11.27 -28.33 20.66
N GLN E 87 12.32 -27.55 20.95
CA GLN E 87 12.50 -26.99 22.28
C GLN E 87 13.30 -25.71 22.18
N ALA E 88 13.04 -24.80 23.12
CA ALA E 88 13.63 -23.47 23.14
C ALA E 88 14.55 -23.35 24.34
N TYR E 89 15.76 -22.85 24.10
CA TYR E 89 16.79 -22.78 25.13
C TYR E 89 17.03 -21.33 25.55
N ALA E 90 17.59 -21.19 26.75
CA ALA E 90 18.15 -19.93 27.23
C ALA E 90 19.37 -20.23 28.06
N ASP E 91 20.43 -19.45 27.87
CA ASP E 91 21.73 -19.77 28.46
C ASP E 91 22.30 -18.48 29.05
N VAL E 92 22.07 -18.28 30.35
CA VAL E 92 22.58 -17.11 31.03
C VAL E 92 23.86 -17.46 31.78
N THR E 93 24.92 -16.69 31.55
CA THR E 93 26.21 -16.95 32.16
C THR E 93 26.82 -15.63 32.68
N PHE E 94 26.93 -15.53 34.00
CA PHE E 94 27.60 -14.40 34.62
C PHE E 94 29.08 -14.71 34.82
N SER E 95 29.89 -13.66 34.94
CA SER E 95 31.32 -13.80 35.16
C SER E 95 31.79 -12.65 36.05
N PHE E 96 32.36 -12.99 37.19
CA PHE E 96 32.79 -12.00 38.17
C PHE E 96 34.25 -12.24 38.54
N THR E 97 34.90 -11.18 38.99
CA THR E 97 36.27 -11.24 39.47
C THR E 97 36.26 -11.57 40.97
N GLN E 98 37.36 -12.16 41.44
CA GLN E 98 37.45 -12.57 42.83
C GLN E 98 37.44 -11.40 43.80
N TYR E 99 37.66 -10.17 43.32
CA TYR E 99 37.64 -8.99 44.17
C TYR E 99 36.32 -8.25 44.12
N SER E 100 35.34 -8.76 43.39
CA SER E 100 34.06 -8.08 43.26
C SER E 100 33.26 -8.19 44.56
N THR E 101 32.56 -7.11 44.90
CA THR E 101 31.76 -7.09 46.11
C THR E 101 30.33 -7.56 45.82
N ASP E 102 29.55 -7.69 46.89
CA ASP E 102 28.17 -8.15 46.74
C ASP E 102 27.31 -7.14 46.00
N GLU E 103 27.58 -5.85 46.21
CA GLU E 103 26.77 -4.82 45.56
C GLU E 103 26.99 -4.75 44.07
N GLU E 104 28.18 -5.13 43.58
CA GLU E 104 28.40 -5.15 42.14
C GLU E 104 27.69 -6.33 41.49
N ARG E 105 27.67 -7.49 42.16
CA ARG E 105 27.04 -8.66 41.58
C ARG E 105 25.53 -8.57 41.63
N ALA E 106 24.99 -7.90 42.65
CA ALA E 106 23.54 -7.73 42.72
C ALA E 106 23.04 -6.74 41.68
N PHE E 107 23.88 -5.78 41.29
CA PHE E 107 23.48 -4.81 40.29
C PHE E 107 23.30 -5.47 38.93
N VAL E 108 24.19 -6.38 38.56
CA VAL E 108 24.09 -7.03 37.26
C VAL E 108 22.85 -7.91 37.19
N ARG E 109 22.60 -8.70 38.23
CA ARG E 109 21.44 -9.59 38.23
C ARG E 109 20.13 -8.80 38.19
N THR E 110 20.04 -7.73 38.99
CA THR E 110 18.81 -6.94 39.00
C THR E 110 18.65 -6.11 37.73
N GLU E 111 19.77 -5.74 37.09
CA GLU E 111 19.68 -5.03 35.83
C GLU E 111 19.22 -5.95 34.70
N LEU E 112 19.78 -7.16 34.64
CA LEU E 112 19.36 -8.11 33.62
C LEU E 112 17.90 -8.51 33.82
N ALA E 113 17.48 -8.70 35.07
CA ALA E 113 16.09 -9.06 35.35
C ALA E 113 15.12 -7.93 35.06
N ALA E 114 15.61 -6.70 34.87
CA ALA E 114 14.76 -5.58 34.52
C ALA E 114 14.78 -5.27 33.03
N LEU E 115 15.82 -5.69 32.31
CA LEU E 115 15.82 -5.55 30.86
C LEU E 115 14.81 -6.49 30.22
N LEU E 116 14.67 -7.70 30.76
CA LEU E 116 13.77 -8.69 30.19
C LEU E 116 12.30 -8.31 30.36
N ALA E 117 12.00 -7.31 31.19
CA ALA E 117 10.64 -6.81 31.38
C ALA E 117 10.46 -5.43 30.76
N SER E 118 11.32 -5.05 29.82
CA SER E 118 11.28 -3.75 29.17
C SER E 118 10.86 -3.91 27.72
N PRO E 119 10.27 -2.88 27.12
CA PRO E 119 9.80 -3.02 25.72
C PRO E 119 10.92 -3.28 24.73
N LEU E 120 12.18 -3.03 25.12
CA LEU E 120 13.28 -3.33 24.22
C LEU E 120 13.40 -4.82 23.93
N LEU E 121 13.24 -5.66 24.96
CA LEU E 121 13.48 -7.09 24.82
C LEU E 121 12.21 -7.92 24.75
N ILE E 122 11.04 -7.37 25.09
CA ILE E 122 9.80 -8.09 24.82
C ILE E 122 9.30 -7.83 23.41
N ASP E 123 9.97 -6.98 22.64
CA ASP E 123 9.75 -6.82 21.22
C ASP E 123 10.90 -7.38 20.39
N ALA E 124 11.93 -7.91 21.04
CA ALA E 124 13.05 -8.51 20.35
C ALA E 124 13.16 -10.01 20.62
N ILE E 125 12.31 -10.56 21.47
CA ILE E 125 12.26 -11.99 21.75
C ILE E 125 10.89 -12.56 21.42
N ASP E 126 9.82 -11.88 21.85
CA ASP E 126 8.47 -12.33 21.53
C ASP E 126 8.19 -12.23 20.04
N GLN E 127 8.29 -11.02 19.49
CA GLN E 127 8.01 -10.78 18.09
C GLN E 127 9.24 -10.88 17.20
N LEU E 128 10.42 -11.08 17.79
CA LEU E 128 11.69 -11.26 17.08
C LEU E 128 12.08 -10.07 16.22
N ASN E 129 11.71 -8.85 16.60
CA ASN E 129 12.12 -7.67 15.86
C ASN E 129 13.52 -7.26 16.27
N PRO E 130 14.51 -7.29 15.37
CA PRO E 130 15.84 -6.80 15.74
C PRO E 130 15.81 -5.33 16.11
N ALA E 131 16.57 -4.97 17.13
CA ALA E 131 16.63 -3.58 17.56
C ALA E 131 17.51 -2.76 16.62
N TYR E 132 17.00 -1.62 16.20
CA TYR E 132 17.75 -0.75 15.29
C TYR E 132 17.56 0.72 15.67
#